data_7KPQ
#
_entry.id   7KPQ
#
_cell.length_a   88.998
_cell.length_b   88.998
_cell.length_c   108.516
_cell.angle_alpha   90.000
_cell.angle_beta   90.000
_cell.angle_gamma   120.000
#
_symmetry.space_group_name_H-M   'P 32 2 1'
#
loop_
_entity.id
_entity.type
_entity.pdbx_description
1 polymer 'FAD-dependent monooxygenase CtdE'
2 non-polymer 'FLAVIN-ADENINE DINUCLEOTIDE'
3 water water
#
_entity_poly.entity_id   1
_entity_poly.type   'polypeptide(L)'
_entity_poly.pdbx_seq_one_letter_code
;MTKTPEAPVPRTMEKDHTQQINVIIVGLGIAGLTAAIECHRKGHKVIAFEKTPKMMHIGDIFSIGPNAESVIRQWKDGAI
SRALNEARCAIDEIKVFDETGKLQNVNTMEGYREGEGYVINRAEAVDIFFEYAQSLGIDIRFNSNVTEYWETPHNAGIIV
DGLKIEADCVIATDGIHSKARNAICGAVVQPKKTGSAIYRSGYAMEELRGHSGAVWLTEGKEDVDQLYHFIGKDITVLVG
TGRRGKDVYWGCMHKSLHDVSESWIQVSDVRRAIELISDWNVRDRLEPIMACTPQGKCFDHLVMTMDQLPSWVSPKHRMI
VLGDAAHPFLPNTGQGANQAIEDGATVAICLELAGKNQVTKGVQVAERLRYQRVAKIQELGHRMLKTLQNADWDGEKDED
APTMITRPAWIYSHDCQQYAYNEFQTVAQLVSERRDFHHHHHH
;
_entity_poly.pdbx_strand_id   A
#
# COMPACT_ATOMS: atom_id res chain seq x y z
N GLN A 19 27.17 -8.90 -16.97
CA GLN A 19 27.37 -7.88 -15.95
C GLN A 19 26.03 -7.33 -15.44
N GLN A 20 24.96 -7.80 -16.06
CA GLN A 20 23.61 -7.40 -15.66
C GLN A 20 23.25 -8.01 -14.31
N ILE A 21 22.69 -7.18 -13.43
CA ILE A 21 22.28 -7.65 -12.10
C ILE A 21 20.94 -8.37 -12.23
N ASN A 22 20.86 -9.55 -11.60
CA ASN A 22 19.64 -10.34 -11.58
C ASN A 22 18.94 -10.16 -10.23
N VAL A 23 17.68 -9.71 -10.27
CA VAL A 23 16.91 -9.37 -9.08
C VAL A 23 15.68 -10.28 -9.02
N ILE A 24 15.45 -10.89 -7.87
CA ILE A 24 14.18 -11.53 -7.55
C ILE A 24 13.37 -10.57 -6.69
N ILE A 25 12.09 -10.39 -7.02
CA ILE A 25 11.17 -9.59 -6.23
C ILE A 25 10.02 -10.48 -5.80
N VAL A 26 9.72 -10.49 -4.50
CA VAL A 26 8.63 -11.28 -3.96
C VAL A 26 7.54 -10.34 -3.46
N GLY A 27 6.35 -10.47 -4.02
CA GLY A 27 5.21 -9.68 -3.60
C GLY A 27 4.95 -8.52 -4.55
N LEU A 28 3.88 -8.61 -5.33
CA LEU A 28 3.54 -7.60 -6.33
C LEU A 28 2.43 -6.67 -5.87
N GLY A 29 2.65 -5.98 -4.77
CA GLY A 29 1.80 -4.89 -4.37
C GLY A 29 2.44 -3.63 -4.93
N ILE A 30 2.13 -2.48 -4.31
CA ILE A 30 2.72 -1.23 -4.76
C ILE A 30 4.25 -1.29 -4.73
N ALA A 31 4.81 -1.73 -3.60
CA ALA A 31 6.27 -1.73 -3.46
C ALA A 31 6.91 -2.64 -4.49
N GLY A 32 6.42 -3.87 -4.63
CA GLY A 32 7.05 -4.81 -5.55
C GLY A 32 6.92 -4.39 -7.00
N LEU A 33 5.78 -3.78 -7.35
CA LEU A 33 5.59 -3.35 -8.74
C LEU A 33 6.48 -2.16 -9.06
N THR A 34 6.61 -1.21 -8.13
CA THR A 34 7.54 -0.11 -8.32
C THR A 34 8.96 -0.61 -8.42
N ALA A 35 9.36 -1.53 -7.53
CA ALA A 35 10.69 -2.11 -7.60
C ALA A 35 10.92 -2.84 -8.91
N ALA A 36 9.89 -3.54 -9.40
CA ALA A 36 10.04 -4.24 -10.68
C ALA A 36 10.24 -3.25 -11.82
N ILE A 37 9.38 -2.24 -11.91
CA ILE A 37 9.47 -1.24 -12.97
C ILE A 37 10.81 -0.52 -12.90
N GLU A 38 11.19 -0.07 -11.70
CA GLU A 38 12.38 0.76 -11.57
C GLU A 38 13.66 -0.04 -11.79
N CYS A 39 13.73 -1.29 -11.28
CA CYS A 39 14.90 -2.11 -11.56
C CYS A 39 15.03 -2.40 -13.04
N HIS A 40 13.90 -2.60 -13.73
CA HIS A 40 13.94 -2.84 -15.16
C HIS A 40 14.41 -1.59 -15.90
N ARG A 41 13.94 -0.42 -15.48
CA ARG A 41 14.36 0.83 -16.10
C ARG A 41 15.84 1.09 -15.86
N LYS A 42 16.38 0.63 -14.74
CA LYS A 42 17.80 0.79 -14.43
C LYS A 42 18.64 -0.32 -15.06
N GLY A 43 18.07 -1.15 -15.93
CA GLY A 43 18.85 -2.14 -16.64
C GLY A 43 19.08 -3.44 -15.90
N HIS A 44 18.35 -3.71 -14.82
CA HIS A 44 18.47 -5.00 -14.16
C HIS A 44 17.48 -6.00 -14.77
N LYS A 45 17.76 -7.28 -14.56
CA LYS A 45 16.89 -8.35 -15.02
C LYS A 45 16.04 -8.83 -13.84
N VAL A 46 14.74 -8.63 -13.95
CA VAL A 46 13.81 -8.85 -12.85
C VAL A 46 13.06 -10.16 -13.07
N ILE A 47 12.92 -10.95 -12.02
CA ILE A 47 11.94 -12.01 -11.96
C ILE A 47 11.10 -11.75 -10.71
N ALA A 48 9.80 -11.60 -10.89
CA ALA A 48 8.91 -11.21 -9.80
C ALA A 48 7.89 -12.32 -9.56
N PHE A 49 7.51 -12.46 -8.28
CA PHE A 49 6.67 -13.55 -7.82
C PHE A 49 5.51 -12.97 -7.01
N GLU A 50 4.31 -13.51 -7.22
CA GLU A 50 3.12 -13.08 -6.51
C GLU A 50 2.36 -14.32 -6.09
N LYS A 51 1.89 -14.35 -4.83
CA LYS A 51 1.23 -15.55 -4.33
C LYS A 51 -0.17 -15.75 -4.89
N THR A 52 -0.93 -14.68 -5.15
CA THR A 52 -2.26 -14.88 -5.67
C THR A 52 -2.20 -15.48 -7.09
N PRO A 53 -3.22 -16.24 -7.50
CA PRO A 53 -3.17 -16.87 -8.83
C PRO A 53 -3.40 -15.89 -9.97
N LYS A 54 -3.88 -14.68 -9.70
CA LYS A 54 -4.04 -13.64 -10.71
C LYS A 54 -4.16 -12.31 -9.98
N MET A 55 -4.13 -11.22 -10.75
CA MET A 55 -4.35 -9.89 -10.17
C MET A 55 -5.74 -9.83 -9.56
N MET A 56 -5.81 -9.61 -8.25
CA MET A 56 -7.07 -9.74 -7.53
C MET A 56 -7.97 -8.51 -7.53
N HIS A 57 -7.44 -7.30 -7.75
CA HIS A 57 -8.26 -6.07 -7.80
C HIS A 57 -9.03 -5.82 -6.50
N ILE A 58 -8.31 -5.83 -5.37
CA ILE A 58 -8.88 -5.66 -4.04
C ILE A 58 -8.23 -4.44 -3.41
N GLY A 59 -8.99 -3.71 -2.60
CA GLY A 59 -8.35 -2.62 -1.90
C GLY A 59 -9.25 -1.45 -1.54
N ASP A 60 -8.74 -0.62 -0.63
CA ASP A 60 -9.37 0.60 -0.16
C ASP A 60 -8.75 1.78 -0.84
N ILE A 61 -9.42 2.93 -0.71
CA ILE A 61 -8.80 4.15 -1.19
C ILE A 61 -7.53 4.38 -0.39
N PHE A 62 -6.44 4.67 -1.07
CA PHE A 62 -5.27 5.19 -0.39
C PHE A 62 -4.86 6.47 -1.12
N SER A 63 -3.80 7.11 -0.68
CA SER A 63 -3.41 8.33 -1.36
C SER A 63 -2.00 8.20 -1.90
N ILE A 64 -1.75 8.98 -2.95
CA ILE A 64 -0.46 9.05 -3.61
C ILE A 64 -0.05 10.52 -3.58
N GLY A 65 1.07 10.81 -2.95
CA GLY A 65 1.49 12.18 -2.79
C GLY A 65 2.53 12.59 -3.80
N PRO A 66 2.96 13.85 -3.72
CA PRO A 66 3.97 14.35 -4.68
C PRO A 66 5.30 13.64 -4.56
N ASN A 67 5.67 13.15 -3.38
CA ASN A 67 6.94 12.42 -3.25
C ASN A 67 6.92 11.09 -4.02
N ALA A 68 5.73 10.52 -4.23
CA ALA A 68 5.62 9.33 -5.06
C ALA A 68 5.40 9.69 -6.52
N GLU A 69 4.66 10.78 -6.75
CA GLU A 69 4.35 11.22 -8.11
C GLU A 69 5.60 11.59 -8.90
N SER A 70 6.67 12.02 -8.22
CA SER A 70 7.90 12.34 -8.94
C SER A 70 8.53 11.09 -9.54
N VAL A 71 8.39 9.95 -8.88
CA VAL A 71 8.82 8.68 -9.46
C VAL A 71 7.92 8.31 -10.64
N ILE A 72 6.60 8.38 -10.44
CA ILE A 72 5.65 7.81 -11.39
C ILE A 72 5.65 8.59 -12.71
N ARG A 73 5.75 9.92 -12.65
CA ARG A 73 5.54 10.71 -13.87
C ARG A 73 6.61 10.46 -14.91
N GLN A 74 7.74 9.89 -14.52
CA GLN A 74 8.81 9.54 -15.44
C GLN A 74 8.51 8.28 -16.26
N TRP A 75 7.46 7.54 -15.92
CA TRP A 75 7.11 6.33 -16.65
C TRP A 75 6.30 6.71 -17.89
N LYS A 76 6.82 6.33 -19.06
CA LYS A 76 6.08 6.44 -20.32
C LYS A 76 5.57 7.86 -20.56
N ASP A 77 6.41 8.84 -20.24
CA ASP A 77 6.14 10.25 -20.53
C ASP A 77 4.90 10.77 -19.80
N GLY A 78 4.67 10.27 -18.59
CA GLY A 78 3.53 10.72 -17.82
C GLY A 78 2.24 9.96 -18.05
N ALA A 79 2.23 8.99 -18.96
CA ALA A 79 0.98 8.30 -19.28
C ALA A 79 0.46 7.51 -18.09
N ILE A 80 1.34 7.04 -17.22
CA ILE A 80 0.88 6.33 -16.03
C ILE A 80 0.32 7.31 -15.00
N SER A 81 0.99 8.45 -14.81
CA SER A 81 0.41 9.52 -14.01
C SER A 81 -0.96 9.91 -14.53
N ARG A 82 -1.09 10.07 -15.85
CA ARG A 82 -2.36 10.45 -16.45
C ARG A 82 -3.43 9.41 -16.17
N ALA A 83 -3.07 8.14 -16.28
CA ALA A 83 -4.00 7.06 -16.01
C ALA A 83 -4.43 7.08 -14.55
N LEU A 84 -3.48 7.24 -13.64
CA LEU A 84 -3.82 7.34 -12.22
C LEU A 84 -4.71 8.55 -11.96
N ASN A 85 -4.41 9.69 -12.59
CA ASN A 85 -5.24 10.87 -12.39
C ASN A 85 -6.66 10.62 -12.88
N GLU A 86 -6.81 9.95 -14.02
CA GLU A 86 -8.14 9.67 -14.55
C GLU A 86 -8.91 8.73 -13.63
N ALA A 87 -8.21 7.84 -12.93
CA ALA A 87 -8.83 6.82 -12.10
C ALA A 87 -8.99 7.25 -10.64
N ARG A 88 -8.79 8.53 -10.33
CA ARG A 88 -8.77 8.97 -8.95
C ARG A 88 -10.18 9.26 -8.45
N CYS A 89 -10.29 9.47 -7.14
CA CYS A 89 -11.48 10.07 -6.55
C CYS A 89 -11.34 11.59 -6.65
N ALA A 90 -12.11 12.20 -7.55
CA ALA A 90 -11.97 13.63 -7.83
C ALA A 90 -12.80 14.42 -6.82
N ILE A 91 -12.27 14.47 -5.60
CA ILE A 91 -12.99 15.03 -4.46
C ILE A 91 -12.85 16.54 -4.46
N ASP A 92 -13.99 17.24 -4.49
CA ASP A 92 -13.98 18.68 -4.22
C ASP A 92 -13.83 18.95 -2.73
N GLU A 93 -14.74 18.42 -1.93
CA GLU A 93 -14.80 18.74 -0.52
C GLU A 93 -15.08 17.50 0.33
N ILE A 94 -14.70 17.59 1.60
CA ILE A 94 -15.03 16.60 2.61
C ILE A 94 -16.08 17.21 3.52
N LYS A 95 -17.27 16.61 3.56
CA LYS A 95 -18.31 17.00 4.50
C LYS A 95 -18.24 16.10 5.73
N VAL A 96 -18.08 16.72 6.90
CA VAL A 96 -17.99 16.03 8.17
C VAL A 96 -19.30 16.23 8.94
N PHE A 97 -19.98 15.13 9.22
CA PHE A 97 -21.24 15.14 9.94
C PHE A 97 -21.02 14.39 11.25
N ASP A 98 -21.94 14.54 12.19
CA ASP A 98 -21.86 13.71 13.38
C ASP A 98 -22.92 12.62 13.22
N GLU A 99 -23.17 11.87 14.28
CA GLU A 99 -24.14 10.77 14.17
C GLU A 99 -25.53 11.27 13.83
N THR A 100 -25.79 12.58 13.91
CA THR A 100 -27.06 13.17 13.48
C THR A 100 -26.91 14.21 12.37
N GLY A 101 -26.06 15.24 12.52
CA GLY A 101 -26.07 16.34 11.57
C GLY A 101 -24.71 16.96 11.28
N LYS A 102 -24.73 17.93 10.35
CA LYS A 102 -23.55 18.56 9.77
C LYS A 102 -22.67 19.27 10.80
N LEU A 103 -21.35 19.29 10.52
CA LEU A 103 -20.37 19.86 11.43
C LEU A 103 -19.25 20.66 10.75
N GLN A 104 -18.70 20.17 9.64
CA GLN A 104 -17.56 20.86 9.01
C GLN A 104 -17.49 20.52 7.52
N ASN A 105 -16.99 21.48 6.73
CA ASN A 105 -16.72 21.31 5.30
C ASN A 105 -15.31 21.77 4.96
N VAL A 106 -14.54 20.91 4.31
CA VAL A 106 -13.17 21.23 3.93
C VAL A 106 -13.06 21.29 2.40
N GLU A 116 -0.73 17.84 -1.18
CA GLU A 116 -1.02 18.04 -2.60
C GLU A 116 -1.15 16.70 -3.32
N GLY A 117 -1.52 15.66 -2.57
CA GLY A 117 -1.67 14.32 -3.12
C GLY A 117 -3.11 14.01 -3.49
N TYR A 118 -3.29 12.93 -4.26
CA TYR A 118 -4.59 12.56 -4.78
C TYR A 118 -5.01 11.17 -4.31
N VAL A 119 -6.32 11.00 -4.15
CA VAL A 119 -6.91 9.82 -3.57
C VAL A 119 -7.29 8.88 -4.70
N ILE A 120 -6.97 7.59 -4.55
CA ILE A 120 -7.25 6.61 -5.59
C ILE A 120 -7.50 5.26 -4.93
N ASN A 121 -8.44 4.52 -5.49
CA ASN A 121 -8.67 3.14 -5.08
C ASN A 121 -7.43 2.29 -5.33
N ARG A 122 -7.02 1.54 -4.30
CA ARG A 122 -5.81 0.72 -4.42
C ARG A 122 -5.90 -0.25 -5.59
N ALA A 123 -7.08 -0.82 -5.83
CA ALA A 123 -7.24 -1.80 -6.91
C ALA A 123 -6.94 -1.19 -8.27
N GLU A 124 -7.35 0.06 -8.49
CA GLU A 124 -7.03 0.74 -9.75
C GLU A 124 -5.55 1.03 -9.88
N ALA A 125 -4.90 1.47 -8.78
CA ALA A 125 -3.49 1.81 -8.85
C ALA A 125 -2.63 0.58 -9.14
N VAL A 126 -2.86 -0.53 -8.45
CA VAL A 126 -1.99 -1.69 -8.69
C VAL A 126 -2.28 -2.29 -10.06
N ASP A 127 -3.52 -2.20 -10.54
CA ASP A 127 -3.83 -2.68 -11.88
C ASP A 127 -3.11 -1.84 -12.93
N ILE A 128 -3.11 -0.52 -12.76
CA ILE A 128 -2.36 0.37 -13.63
C ILE A 128 -0.87 0.03 -13.59
N PHE A 129 -0.31 -0.08 -12.38
CA PHE A 129 1.10 -0.42 -12.23
C PHE A 129 1.42 -1.75 -12.91
N PHE A 130 0.58 -2.78 -12.67
CA PHE A 130 0.86 -4.11 -13.17
C PHE A 130 0.80 -4.17 -14.70
N GLU A 131 -0.23 -3.55 -15.29
CA GLU A 131 -0.36 -3.59 -16.74
C GLU A 131 0.84 -2.94 -17.39
N TYR A 132 1.34 -1.86 -16.79
CA TYR A 132 2.55 -1.21 -17.29
C TYR A 132 3.76 -2.11 -17.11
N ALA A 133 3.95 -2.65 -15.90
CA ALA A 133 5.09 -3.52 -15.64
C ALA A 133 5.14 -4.71 -16.59
N GLN A 134 4.00 -5.40 -16.79
CA GLN A 134 4.04 -6.55 -17.68
C GLN A 134 4.29 -6.13 -19.12
N SER A 135 3.91 -4.92 -19.50
CA SER A 135 4.11 -4.47 -20.87
C SER A 135 5.58 -4.20 -21.17
N LEU A 136 6.40 -4.04 -20.13
CA LEU A 136 7.84 -3.88 -20.31
C LEU A 136 8.56 -5.18 -20.62
N GLY A 137 7.87 -6.31 -20.53
CA GLY A 137 8.49 -7.60 -20.78
C GLY A 137 9.01 -8.28 -19.55
N ILE A 138 8.65 -7.79 -18.36
CA ILE A 138 9.19 -8.31 -17.11
C ILE A 138 8.65 -9.71 -16.85
N ASP A 139 9.53 -10.62 -16.47
CA ASP A 139 9.15 -11.98 -16.07
C ASP A 139 8.37 -11.89 -14.76
N ILE A 140 7.07 -12.20 -14.82
CA ILE A 140 6.19 -12.12 -13.66
C ILE A 140 5.45 -13.43 -13.52
N ARG A 141 5.44 -13.98 -12.30
CA ARG A 141 4.89 -15.31 -12.05
C ARG A 141 3.90 -15.23 -10.90
N PHE A 142 2.64 -15.55 -11.19
CA PHE A 142 1.62 -15.60 -10.16
C PHE A 142 1.60 -17.01 -9.54
N ASN A 143 0.66 -17.22 -8.61
CA ASN A 143 0.50 -18.52 -7.95
C ASN A 143 1.81 -18.98 -7.31
N SER A 144 2.58 -18.05 -6.77
CA SER A 144 3.92 -18.34 -6.26
C SER A 144 4.00 -17.91 -4.81
N ASN A 145 3.65 -18.81 -3.89
CA ASN A 145 3.68 -18.50 -2.46
C ASN A 145 5.09 -18.81 -1.96
N VAL A 146 5.84 -17.77 -1.59
CA VAL A 146 7.24 -17.90 -1.21
C VAL A 146 7.35 -17.82 0.30
N THR A 147 7.98 -18.84 0.90
CA THR A 147 8.33 -18.77 2.31
C THR A 147 9.80 -18.98 2.62
N GLU A 148 10.57 -19.59 1.72
CA GLU A 148 11.96 -19.94 1.98
C GLU A 148 12.90 -19.02 1.22
N TYR A 149 13.83 -18.42 1.96
CA TYR A 149 14.85 -17.52 1.45
C TYR A 149 16.22 -18.10 1.77
N TRP A 150 17.18 -17.91 0.86
CA TRP A 150 18.53 -18.40 1.10
C TRP A 150 19.52 -17.46 0.44
N GLU A 151 20.78 -17.56 0.87
CA GLU A 151 21.83 -16.75 0.27
C GLU A 151 23.20 -17.37 0.56
N THR A 152 24.13 -17.11 -0.36
CA THR A 152 25.54 -17.46 -0.23
C THR A 152 26.34 -16.15 -0.29
N PRO A 153 27.67 -16.20 -0.25
CA PRO A 153 28.45 -14.96 -0.52
C PRO A 153 28.23 -14.38 -1.91
N HIS A 154 27.77 -15.17 -2.88
CA HIS A 154 27.76 -14.75 -4.28
C HIS A 154 26.37 -14.70 -4.90
N ASN A 155 25.36 -15.32 -4.29
CA ASN A 155 24.00 -15.32 -4.82
C ASN A 155 23.00 -15.36 -3.67
N ALA A 156 21.75 -15.12 -4.02
CA ALA A 156 20.63 -15.25 -3.10
C ALA A 156 19.44 -15.73 -3.91
N GLY A 157 18.42 -16.21 -3.22
CA GLY A 157 17.22 -16.61 -3.93
C GLY A 157 16.16 -17.14 -3.00
N ILE A 158 15.22 -17.87 -3.60
CA ILE A 158 14.03 -18.34 -2.91
C ILE A 158 13.74 -19.76 -3.37
N ILE A 159 12.76 -20.39 -2.72
CA ILE A 159 12.18 -21.64 -3.19
C ILE A 159 10.76 -21.35 -3.63
N VAL A 160 10.39 -21.83 -4.82
CA VAL A 160 9.05 -21.66 -5.35
C VAL A 160 8.61 -22.99 -5.93
N ASP A 161 7.44 -23.47 -5.51
CA ASP A 161 6.86 -24.72 -6.02
C ASP A 161 7.87 -25.85 -5.91
N GLY A 162 8.63 -25.84 -4.81
CA GLY A 162 9.65 -26.83 -4.59
C GLY A 162 10.96 -26.62 -5.30
N LEU A 163 11.07 -25.64 -6.19
CA LEU A 163 12.28 -25.46 -7.00
C LEU A 163 13.04 -24.21 -6.59
N LYS A 164 14.36 -24.28 -6.64
CA LYS A 164 15.22 -23.16 -6.25
C LYS A 164 15.34 -22.16 -7.39
N ILE A 165 15.18 -20.88 -7.08
CA ILE A 165 15.37 -19.80 -8.06
C ILE A 165 16.48 -18.89 -7.53
N GLU A 166 17.49 -18.64 -8.36
CA GLU A 166 18.69 -17.94 -7.94
C GLU A 166 18.88 -16.63 -8.69
N ALA A 167 19.52 -15.66 -8.02
CA ALA A 167 19.76 -14.32 -8.54
C ALA A 167 20.87 -13.69 -7.73
N ASP A 168 21.20 -12.43 -8.06
CA ASP A 168 22.19 -11.69 -7.27
C ASP A 168 21.61 -11.16 -5.97
N CYS A 169 20.32 -10.85 -5.93
CA CYS A 169 19.72 -10.33 -4.71
C CYS A 169 18.22 -10.55 -4.75
N VAL A 170 17.60 -10.41 -3.59
CA VAL A 170 16.16 -10.64 -3.43
C VAL A 170 15.57 -9.43 -2.74
N ILE A 171 14.52 -8.85 -3.33
CA ILE A 171 13.78 -7.77 -2.72
C ILE A 171 12.46 -8.36 -2.28
N ALA A 172 12.19 -8.34 -0.98
CA ALA A 172 10.95 -8.88 -0.45
C ALA A 172 9.99 -7.76 -0.11
N THR A 173 8.86 -7.72 -0.82
CA THR A 173 7.83 -6.71 -0.67
C THR A 173 6.48 -7.41 -0.50
N ASP A 174 6.42 -8.35 0.42
CA ASP A 174 5.26 -9.20 0.58
C ASP A 174 4.25 -8.69 1.62
N GLY A 175 4.40 -7.44 2.08
CA GLY A 175 3.36 -6.81 2.87
C GLY A 175 3.46 -7.05 4.36
N ILE A 176 2.47 -6.49 5.08
CA ILE A 176 2.55 -6.40 6.53
C ILE A 176 2.61 -7.78 7.18
N HIS A 177 1.99 -8.79 6.57
CA HIS A 177 2.06 -10.15 7.11
C HIS A 177 3.17 -10.95 6.45
N SER A 178 4.33 -10.29 6.31
CA SER A 178 5.45 -10.80 5.52
C SER A 178 6.01 -12.10 6.07
N LYS A 179 6.08 -13.12 5.21
CA LYS A 179 6.79 -14.34 5.57
C LYS A 179 8.28 -14.12 5.37
N ALA A 180 8.63 -13.22 4.46
CA ALA A 180 10.03 -12.92 4.22
C ALA A 180 10.67 -12.27 5.43
N ARG A 181 9.92 -11.40 6.12
CA ARG A 181 10.44 -10.78 7.33
C ARG A 181 10.75 -11.85 8.38
N ASN A 182 9.87 -12.85 8.50
CA ASN A 182 10.17 -13.98 9.38
C ASN A 182 11.52 -14.59 9.04
N ALA A 183 11.79 -14.80 7.75
CA ALA A 183 13.01 -15.49 7.34
C ALA A 183 14.23 -14.59 7.48
N ILE A 184 14.09 -13.30 7.16
CA ILE A 184 15.25 -12.42 7.07
C ILE A 184 15.55 -11.73 8.39
N CYS A 185 14.51 -11.36 9.16
CA CYS A 185 14.71 -10.62 10.40
C CYS A 185 14.39 -11.41 11.65
N GLY A 186 13.60 -12.47 11.56
CA GLY A 186 13.09 -13.17 12.71
C GLY A 186 11.59 -12.96 12.90
N ALA A 187 10.99 -13.78 13.76
CA ALA A 187 9.56 -13.74 14.00
C ALA A 187 9.20 -13.13 15.35
N VAL A 188 10.16 -12.55 16.06
CA VAL A 188 9.84 -11.95 17.35
C VAL A 188 9.08 -10.65 17.16
N VAL A 189 9.57 -9.78 16.28
CA VAL A 189 8.85 -8.55 15.95
C VAL A 189 7.67 -8.89 15.05
N GLN A 190 6.47 -8.55 15.51
CA GLN A 190 5.23 -8.87 14.81
C GLN A 190 4.38 -7.61 14.74
N PRO A 191 3.56 -7.48 13.70
CA PRO A 191 2.54 -6.42 13.70
C PRO A 191 1.67 -6.51 14.94
N LYS A 192 1.44 -5.36 15.57
CA LYS A 192 0.69 -5.27 16.82
C LYS A 192 -0.65 -4.59 16.58
N LYS A 193 -1.70 -5.13 17.20
CA LYS A 193 -3.00 -4.47 17.14
C LYS A 193 -2.94 -3.11 17.83
N THR A 194 -3.81 -2.20 17.39
CA THR A 194 -3.98 -0.90 18.01
C THR A 194 -5.21 -0.81 18.90
N GLY A 195 -6.17 -1.71 18.72
CA GLY A 195 -7.45 -1.64 19.41
C GLY A 195 -8.57 -1.18 18.52
N SER A 196 -8.27 -0.73 17.31
CA SER A 196 -9.27 -0.33 16.33
C SER A 196 -9.33 -1.34 15.19
N ALA A 197 -10.52 -1.48 14.62
CA ALA A 197 -10.72 -2.37 13.48
C ALA A 197 -11.62 -1.67 12.49
N ILE A 198 -11.59 -2.15 11.25
CA ILE A 198 -12.30 -1.49 10.15
C ILE A 198 -13.13 -2.53 9.41
N TYR A 199 -14.40 -2.21 9.20
CA TYR A 199 -15.19 -2.90 8.19
C TYR A 199 -15.19 -1.99 6.96
N ARG A 200 -14.99 -2.57 5.78
CA ARG A 200 -15.02 -1.74 4.59
C ARG A 200 -15.40 -2.56 3.38
N SER A 201 -15.84 -1.86 2.34
CA SER A 201 -16.02 -2.45 1.03
C SER A 201 -16.04 -1.34 -0.02
N GLY A 202 -15.99 -1.76 -1.26
CA GLY A 202 -16.18 -0.86 -2.39
C GLY A 202 -16.86 -1.62 -3.50
N TYR A 203 -17.71 -0.93 -4.24
CA TYR A 203 -18.46 -1.57 -5.31
C TYR A 203 -18.92 -0.52 -6.31
N ALA A 204 -19.46 -1.00 -7.43
CA ALA A 204 -19.90 -0.13 -8.50
C ALA A 204 -21.18 0.62 -8.13
N MET A 205 -21.27 1.86 -8.62
CA MET A 205 -22.39 2.74 -8.30
C MET A 205 -23.73 2.14 -8.75
N GLU A 206 -23.74 1.38 -9.85
CA GLU A 206 -24.99 0.81 -10.33
C GLU A 206 -25.65 -0.09 -9.29
N GLU A 207 -24.88 -0.67 -8.38
CA GLU A 207 -25.46 -1.45 -7.29
C GLU A 207 -26.26 -0.58 -6.32
N LEU A 208 -26.00 0.72 -6.27
CA LEU A 208 -26.69 1.63 -5.36
C LEU A 208 -27.83 2.40 -6.01
N ARG A 209 -27.66 2.81 -7.27
CA ARG A 209 -28.65 3.64 -7.93
C ARG A 209 -30.01 2.96 -7.88
N GLY A 210 -31.05 3.75 -7.59
CA GLY A 210 -32.39 3.25 -7.43
C GLY A 210 -32.85 3.10 -5.99
N HIS A 211 -31.93 2.92 -5.05
CA HIS A 211 -32.31 2.83 -3.65
C HIS A 211 -32.60 4.24 -3.12
N SER A 212 -33.85 4.45 -2.67
CA SER A 212 -34.27 5.80 -2.29
C SER A 212 -33.50 6.30 -1.07
N GLY A 213 -33.07 5.41 -0.19
CA GLY A 213 -32.26 5.78 0.94
C GLY A 213 -30.84 6.20 0.60
N ALA A 214 -30.45 6.13 -0.67
CA ALA A 214 -29.11 6.52 -1.08
C ALA A 214 -29.07 7.67 -2.07
N VAL A 215 -30.20 8.30 -2.40
CA VAL A 215 -30.17 9.38 -3.38
C VAL A 215 -29.30 10.52 -2.89
N TRP A 216 -29.17 10.70 -1.57
CA TRP A 216 -28.30 11.73 -1.03
C TRP A 216 -26.87 11.58 -1.53
N LEU A 217 -26.45 10.35 -1.83
CA LEU A 217 -25.11 10.09 -2.36
C LEU A 217 -25.11 9.89 -3.86
N THR A 218 -26.13 9.27 -4.43
CA THR A 218 -26.09 8.94 -5.85
C THR A 218 -26.47 10.12 -6.73
N GLU A 219 -27.25 11.07 -6.19
CA GLU A 219 -27.66 12.22 -6.97
C GLU A 219 -26.77 13.42 -6.70
N GLY A 220 -25.54 13.15 -6.26
CA GLY A 220 -24.57 14.20 -6.03
C GLY A 220 -24.08 14.80 -7.32
N LYS A 221 -23.55 16.02 -7.21
CA LYS A 221 -22.99 16.74 -8.35
C LYS A 221 -22.17 15.80 -9.21
N GLU A 222 -22.42 15.83 -10.51
CA GLU A 222 -21.77 14.91 -11.43
C GLU A 222 -20.42 15.44 -11.88
N ASP A 223 -19.59 14.52 -12.39
CA ASP A 223 -18.20 14.73 -12.78
C ASP A 223 -17.30 14.99 -11.58
N VAL A 224 -17.82 14.87 -10.36
CA VAL A 224 -17.06 15.16 -9.15
C VAL A 224 -17.44 14.14 -8.08
N ASP A 225 -16.46 13.71 -7.31
CA ASP A 225 -16.65 12.72 -6.26
C ASP A 225 -16.84 13.42 -4.92
N GLN A 226 -17.57 12.77 -4.03
CA GLN A 226 -17.83 13.29 -2.70
C GLN A 226 -17.22 12.39 -1.64
N LEU A 227 -16.88 12.97 -0.50
CA LEU A 227 -16.37 12.25 0.65
C LEU A 227 -17.10 12.72 1.89
N TYR A 228 -17.62 11.77 2.67
CA TYR A 228 -18.43 12.05 3.86
C TYR A 228 -17.84 11.34 5.07
N HIS A 229 -17.62 12.09 6.14
CA HIS A 229 -17.24 11.56 7.43
C HIS A 229 -18.45 11.63 8.36
N PHE A 230 -18.74 10.54 9.04
CA PHE A 230 -19.78 10.52 10.06
C PHE A 230 -19.13 10.11 11.37
N ILE A 231 -19.12 11.02 12.34
CA ILE A 231 -18.28 10.92 13.52
C ILE A 231 -19.16 10.67 14.73
N GLY A 232 -19.05 9.49 15.33
CA GLY A 232 -19.74 9.16 16.55
C GLY A 232 -18.81 8.99 17.73
N LYS A 233 -19.33 8.38 18.79
CA LYS A 233 -18.53 8.06 19.98
C LYS A 233 -17.75 6.79 19.71
N ASP A 234 -16.45 6.93 19.44
CA ASP A 234 -15.54 5.81 19.19
C ASP A 234 -15.94 4.98 17.97
N ILE A 235 -16.82 5.52 17.13
CA ILE A 235 -17.18 4.94 15.84
C ILE A 235 -17.13 6.05 14.81
N THR A 236 -16.50 5.78 13.67
CA THR A 236 -16.61 6.68 12.54
C THR A 236 -16.92 5.89 11.29
N VAL A 237 -17.77 6.45 10.44
CA VAL A 237 -18.12 5.87 9.16
C VAL A 237 -17.67 6.82 8.06
N LEU A 238 -16.96 6.31 7.07
CA LEU A 238 -16.56 7.06 5.89
C LEU A 238 -17.39 6.57 4.72
N VAL A 239 -17.88 7.49 3.91
CA VAL A 239 -18.57 7.14 2.67
C VAL A 239 -18.09 8.09 1.57
N GLY A 240 -17.63 7.52 0.45
CA GLY A 240 -17.21 8.33 -0.67
C GLY A 240 -17.54 7.68 -1.99
N THR A 241 -17.32 8.44 -3.06
CA THR A 241 -17.42 7.95 -4.43
C THR A 241 -16.07 8.14 -5.13
N GLY A 242 -15.82 7.31 -6.15
CA GLY A 242 -14.62 7.43 -6.94
C GLY A 242 -14.91 7.41 -8.42
N ARG A 243 -13.92 7.84 -9.20
CA ARG A 243 -13.98 7.90 -10.67
C ARG A 243 -15.26 8.59 -11.16
N ARG A 244 -15.51 9.78 -10.61
CA ARG A 244 -16.65 10.61 -11.03
C ARG A 244 -17.97 9.85 -10.88
N GLY A 245 -18.16 9.22 -9.72
CA GLY A 245 -19.42 8.57 -9.46
C GLY A 245 -19.60 7.19 -10.07
N LYS A 246 -18.53 6.58 -10.59
CA LYS A 246 -18.64 5.20 -11.04
C LYS A 246 -18.53 4.22 -9.89
N ASP A 247 -17.84 4.58 -8.82
CA ASP A 247 -17.58 3.68 -7.71
C ASP A 247 -18.14 4.24 -6.41
N VAL A 248 -18.54 3.33 -5.51
CA VAL A 248 -18.87 3.67 -4.12
C VAL A 248 -17.89 2.93 -3.24
N TYR A 249 -17.52 3.55 -2.12
CA TYR A 249 -16.79 2.86 -1.07
C TYR A 249 -17.28 3.36 0.28
N TRP A 250 -17.09 2.52 1.29
CA TRP A 250 -17.46 2.88 2.64
C TRP A 250 -16.58 2.11 3.62
N GLY A 251 -16.41 2.68 4.79
CA GLY A 251 -15.62 2.06 5.84
C GLY A 251 -16.19 2.45 7.18
N CYS A 252 -16.03 1.55 8.15
CA CYS A 252 -16.51 1.79 9.51
C CYS A 252 -15.36 1.43 10.44
N MET A 253 -14.75 2.44 11.05
CA MET A 253 -13.73 2.22 12.07
C MET A 253 -14.38 2.24 13.44
N HIS A 254 -14.01 1.27 14.27
CA HIS A 254 -14.56 1.13 15.61
C HIS A 254 -13.49 0.52 16.51
N LYS A 255 -13.71 0.63 17.81
CA LYS A 255 -12.80 0.01 18.78
C LYS A 255 -13.21 -1.45 18.97
N SER A 256 -12.28 -2.36 18.66
CA SER A 256 -12.50 -3.78 18.87
C SER A 256 -11.18 -4.40 19.33
N LEU A 257 -11.11 -4.79 20.60
CA LEU A 257 -9.89 -5.38 21.13
C LEU A 257 -9.74 -6.86 20.81
N HIS A 258 -10.82 -7.55 20.40
CA HIS A 258 -10.78 -8.99 20.22
C HIS A 258 -11.09 -9.44 18.80
N ASP A 259 -11.13 -8.50 17.85
CA ASP A 259 -11.25 -8.85 16.45
C ASP A 259 -10.15 -9.83 16.06
N VAL A 260 -10.51 -10.89 15.32
CA VAL A 260 -9.56 -11.97 15.04
C VAL A 260 -9.04 -11.92 13.61
N SER A 261 -9.23 -10.81 12.89
CA SER A 261 -8.76 -10.71 11.52
C SER A 261 -7.25 -10.86 11.44
N GLU A 262 -6.78 -11.70 10.51
CA GLU A 262 -5.35 -11.91 10.30
C GLU A 262 -4.89 -11.64 8.88
N SER A 263 -5.70 -10.98 8.04
CA SER A 263 -5.28 -10.74 6.66
C SER A 263 -6.18 -9.67 6.07
N TRP A 264 -5.76 -9.14 4.91
CA TRP A 264 -6.52 -8.14 4.18
C TRP A 264 -7.82 -8.67 3.57
N ILE A 265 -8.02 -9.99 3.50
CA ILE A 265 -9.20 -10.52 2.82
C ILE A 265 -10.15 -11.22 3.77
N GLN A 266 -9.92 -11.09 5.08
CA GLN A 266 -10.88 -11.55 6.08
C GLN A 266 -12.22 -10.84 5.88
N VAL A 267 -13.32 -11.60 5.87
CA VAL A 267 -14.61 -10.98 5.63
C VAL A 267 -15.53 -11.11 6.84
N SER A 268 -16.55 -10.26 6.84
CA SER A 268 -17.63 -10.26 7.82
C SER A 268 -18.92 -9.88 7.09
N ASP A 269 -20.05 -10.26 7.67
CA ASP A 269 -21.32 -9.81 7.13
C ASP A 269 -21.44 -8.30 7.35
N VAL A 270 -22.03 -7.61 6.38
CA VAL A 270 -22.21 -6.17 6.51
C VAL A 270 -23.13 -5.83 7.68
N ARG A 271 -23.84 -6.83 8.22
CA ARG A 271 -24.64 -6.67 9.42
C ARG A 271 -23.81 -6.11 10.56
N ARG A 272 -22.54 -6.52 10.64
CA ARG A 272 -21.67 -6.09 11.74
C ARG A 272 -21.54 -4.57 11.79
N ALA A 273 -21.41 -3.93 10.62
CA ALA A 273 -21.26 -2.48 10.57
C ALA A 273 -22.60 -1.78 10.80
N ILE A 274 -23.68 -2.33 10.26
CA ILE A 274 -25.00 -1.76 10.48
C ILE A 274 -25.36 -1.81 11.96
N GLU A 275 -25.01 -2.91 12.64
CA GLU A 275 -25.26 -3.00 14.08
C GLU A 275 -24.56 -1.88 14.84
N LEU A 276 -23.32 -1.59 14.47
CA LEU A 276 -22.52 -0.58 15.17
C LEU A 276 -23.19 0.78 15.15
N ILE A 277 -23.93 1.10 14.08
CA ILE A 277 -24.60 2.39 13.93
C ILE A 277 -26.10 2.26 14.16
N SER A 278 -26.55 1.21 14.86
CA SER A 278 -27.97 0.92 14.90
C SER A 278 -28.77 2.04 15.57
N ASP A 279 -28.19 2.77 16.53
CA ASP A 279 -28.90 3.84 17.20
C ASP A 279 -28.53 5.21 16.65
N TRP A 280 -27.87 5.26 15.50
CA TRP A 280 -27.46 6.52 14.90
C TRP A 280 -28.63 7.15 14.15
N ASN A 281 -28.76 8.46 14.31
CA ASN A 281 -29.82 9.19 13.60
C ASN A 281 -29.64 9.10 12.09
N VAL A 282 -28.40 9.11 11.62
CA VAL A 282 -28.09 9.07 10.19
C VAL A 282 -28.13 7.65 9.67
N ARG A 283 -28.57 6.71 10.49
CA ARG A 283 -28.57 5.31 10.05
C ARG A 283 -29.37 5.12 8.77
N ASP A 284 -30.49 5.84 8.64
CA ASP A 284 -31.31 5.75 7.44
C ASP A 284 -30.51 6.07 6.18
N ARG A 285 -29.53 6.97 6.29
CA ARG A 285 -28.68 7.30 5.15
C ARG A 285 -27.56 6.27 4.94
N LEU A 286 -26.99 5.75 6.02
CA LEU A 286 -25.80 4.90 5.90
C LEU A 286 -26.13 3.45 5.63
N GLU A 287 -27.20 2.92 6.23
CA GLU A 287 -27.51 1.50 6.09
C GLU A 287 -27.63 1.05 4.63
N PRO A 288 -28.32 1.75 3.74
CA PRO A 288 -28.37 1.28 2.34
C PRO A 288 -27.00 1.15 1.69
N ILE A 289 -26.06 2.04 2.02
CA ILE A 289 -24.71 1.94 1.45
C ILE A 289 -24.05 0.63 1.86
N MET A 290 -24.16 0.27 3.14
CA MET A 290 -23.55 -0.99 3.59
C MET A 290 -24.34 -2.19 3.11
N ALA A 291 -25.67 -2.08 3.09
CA ALA A 291 -26.52 -3.23 2.77
C ALA A 291 -26.43 -3.63 1.31
N CYS A 292 -26.22 -2.66 0.41
CA CYS A 292 -26.11 -2.98 -1.02
C CYS A 292 -24.74 -3.51 -1.40
N THR A 293 -23.83 -3.71 -0.46
CA THR A 293 -22.54 -4.30 -0.76
C THR A 293 -22.76 -5.67 -1.38
N PRO A 294 -22.15 -5.98 -2.53
CA PRO A 294 -22.40 -7.26 -3.20
C PRO A 294 -22.08 -8.43 -2.28
N GLN A 295 -23.03 -9.38 -2.23
CA GLN A 295 -23.00 -10.59 -1.42
C GLN A 295 -23.14 -10.30 0.08
N GLY A 296 -23.36 -9.04 0.47
CA GLY A 296 -23.54 -8.74 1.88
C GLY A 296 -22.32 -9.01 2.73
N LYS A 297 -21.13 -8.96 2.13
CA LYS A 297 -19.88 -9.21 2.82
C LYS A 297 -18.97 -8.00 2.70
N CYS A 298 -18.34 -7.63 3.80
CA CYS A 298 -17.32 -6.60 3.81
C CYS A 298 -16.01 -7.20 4.31
N PHE A 299 -14.93 -6.47 4.10
CA PHE A 299 -13.65 -6.84 4.70
C PHE A 299 -13.60 -6.40 6.15
N ASP A 300 -12.95 -7.20 6.97
CA ASP A 300 -12.77 -6.94 8.39
C ASP A 300 -11.26 -6.91 8.64
N HIS A 301 -10.70 -5.71 8.89
CA HIS A 301 -9.27 -5.52 9.08
C HIS A 301 -8.96 -4.96 10.46
N LEU A 302 -7.84 -5.39 11.01
CA LEU A 302 -7.25 -4.69 12.14
C LEU A 302 -6.53 -3.43 11.65
N VAL A 303 -6.45 -2.43 12.52
CA VAL A 303 -5.50 -1.34 12.32
C VAL A 303 -4.25 -1.72 13.10
N MET A 304 -3.14 -1.90 12.39
CA MET A 304 -1.94 -2.39 13.03
C MET A 304 -0.78 -1.41 12.94
N THR A 305 0.16 -1.60 13.86
CA THR A 305 1.45 -0.96 13.88
C THR A 305 2.49 -2.05 14.04
N MET A 306 3.76 -1.68 13.92
CA MET A 306 4.83 -2.63 14.18
C MET A 306 6.05 -1.89 14.69
N ASP A 307 6.76 -2.51 15.62
CA ASP A 307 8.02 -1.97 16.07
C ASP A 307 8.98 -1.81 14.89
N GLN A 308 9.86 -0.83 15.01
CA GLN A 308 11.02 -0.71 14.14
C GLN A 308 11.82 -2.01 14.14
N LEU A 309 12.13 -2.52 12.95
CA LEU A 309 12.98 -3.70 12.88
C LEU A 309 14.43 -3.30 13.11
N PRO A 310 15.24 -4.19 13.72
CA PRO A 310 16.67 -3.87 13.86
C PRO A 310 17.38 -3.76 12.52
N SER A 311 16.99 -4.57 11.55
CA SER A 311 17.56 -4.50 10.22
C SER A 311 16.54 -5.01 9.22
N TRP A 312 16.58 -4.48 8.01
CA TRP A 312 15.78 -5.02 6.91
C TRP A 312 16.57 -6.00 6.05
N VAL A 313 17.83 -6.24 6.38
CA VAL A 313 18.79 -6.82 5.45
C VAL A 313 19.30 -8.14 6.02
N SER A 314 19.47 -9.13 5.13
CA SER A 314 19.91 -10.47 5.50
C SER A 314 21.36 -10.48 5.99
N PRO A 315 21.78 -11.55 6.67
CA PRO A 315 23.15 -11.58 7.23
C PRO A 315 24.24 -11.38 6.21
N LYS A 316 24.07 -11.86 4.98
CA LYS A 316 25.06 -11.67 3.94
C LYS A 316 24.69 -10.56 2.96
N HIS A 317 23.70 -9.75 3.29
CA HIS A 317 23.46 -8.46 2.65
C HIS A 317 23.01 -8.59 1.19
N ARG A 318 22.39 -9.71 0.82
CA ARG A 318 21.85 -9.85 -0.53
C ARG A 318 20.33 -9.84 -0.57
N MET A 319 19.65 -9.68 0.58
CA MET A 319 18.20 -9.70 0.63
C MET A 319 17.72 -8.58 1.53
N ILE A 320 16.58 -7.98 1.17
CA ILE A 320 16.07 -6.81 1.89
C ILE A 320 14.55 -6.82 1.84
N VAL A 321 13.91 -6.54 2.99
CA VAL A 321 12.47 -6.34 3.04
C VAL A 321 12.19 -4.86 2.88
N LEU A 322 11.17 -4.53 2.10
CA LEU A 322 10.77 -3.14 1.86
C LEU A 322 9.24 -3.05 1.92
N GLY A 323 8.72 -1.83 1.80
CA GLY A 323 7.29 -1.64 1.90
C GLY A 323 6.74 -1.95 3.28
N ASP A 324 5.47 -2.37 3.30
CA ASP A 324 4.82 -2.71 4.56
C ASP A 324 5.47 -3.90 5.25
N ALA A 325 6.17 -4.76 4.52
CA ALA A 325 6.90 -5.84 5.15
C ALA A 325 7.93 -5.30 6.14
N ALA A 326 8.53 -4.14 5.83
CA ALA A 326 9.54 -3.57 6.70
C ALA A 326 8.99 -2.48 7.63
N HIS A 327 8.10 -1.61 7.15
CA HIS A 327 7.68 -0.43 7.91
C HIS A 327 6.21 -0.10 7.71
N PRO A 328 5.30 -0.90 8.29
CA PRO A 328 3.88 -0.54 8.21
C PRO A 328 3.63 0.78 8.92
N PHE A 329 2.75 1.59 8.36
CA PHE A 329 2.41 2.89 8.94
C PHE A 329 0.96 2.89 9.39
N LEU A 330 0.70 3.61 10.47
CA LEU A 330 -0.67 3.84 10.88
C LEU A 330 -1.39 4.55 9.73
N PRO A 331 -2.65 4.20 9.44
CA PRO A 331 -3.33 4.80 8.28
C PRO A 331 -3.45 6.32 8.35
N ASN A 332 -3.37 6.93 9.52
CA ASN A 332 -3.50 8.38 9.59
C ASN A 332 -2.31 9.12 8.98
N THR A 333 -1.19 8.45 8.71
CA THR A 333 -0.10 9.11 8.00
C THR A 333 -0.38 9.21 6.51
N GLY A 334 -1.20 8.29 5.98
CA GLY A 334 -1.41 8.20 4.55
C GLY A 334 -0.15 8.00 3.73
N GLN A 335 0.84 7.27 4.27
CA GLN A 335 2.14 7.15 3.61
C GLN A 335 2.47 5.74 3.14
N GLY A 336 1.58 4.76 3.36
CA GLY A 336 1.90 3.38 3.02
C GLY A 336 2.30 3.21 1.55
N ALA A 337 1.45 3.67 0.64
CA ALA A 337 1.76 3.56 -0.78
C ALA A 337 2.95 4.44 -1.17
N ASN A 338 2.98 5.67 -0.63
CA ASN A 338 4.07 6.60 -0.97
C ASN A 338 5.43 5.99 -0.66
N GLN A 339 5.59 5.46 0.54
CA GLN A 339 6.90 4.96 0.97
C GLN A 339 7.22 3.62 0.32
N ALA A 340 6.19 2.85 -0.06
CA ALA A 340 6.42 1.69 -0.92
C ALA A 340 7.03 2.12 -2.25
N ILE A 341 6.53 3.22 -2.83
CA ILE A 341 7.05 3.69 -4.11
C ILE A 341 8.45 4.26 -3.94
N GLU A 342 8.67 5.07 -2.90
CA GLU A 342 10.01 5.55 -2.61
C GLU A 342 10.99 4.40 -2.39
N ASP A 343 10.56 3.34 -1.68
CA ASP A 343 11.42 2.18 -1.49
C ASP A 343 11.85 1.59 -2.82
N GLY A 344 10.89 1.36 -3.72
CA GLY A 344 11.20 0.69 -4.97
C GLY A 344 12.14 1.49 -5.85
N ALA A 345 11.94 2.82 -5.87
CA ALA A 345 12.82 3.68 -6.67
C ALA A 345 14.23 3.70 -6.09
N THR A 346 14.33 3.71 -4.76
CA THR A 346 15.64 3.82 -4.11
C THR A 346 16.48 2.57 -4.36
N VAL A 347 15.90 1.39 -4.16
CA VAL A 347 16.70 0.16 -4.26
C VAL A 347 17.20 -0.02 -5.69
N ALA A 348 16.39 0.35 -6.68
CA ALA A 348 16.81 0.24 -8.07
C ALA A 348 18.05 1.10 -8.33
N ILE A 349 18.05 2.34 -7.85
CA ILE A 349 19.21 3.21 -8.03
C ILE A 349 20.42 2.65 -7.30
N CYS A 350 20.21 2.13 -6.09
CA CYS A 350 21.32 1.61 -5.30
C CYS A 350 21.97 0.41 -6.00
N LEU A 351 21.15 -0.46 -6.61
CA LEU A 351 21.72 -1.57 -7.35
C LEU A 351 22.46 -1.08 -8.58
N GLU A 352 21.90 -0.09 -9.29
CA GLU A 352 22.55 0.44 -10.48
C GLU A 352 23.89 1.10 -10.14
N LEU A 353 23.94 1.85 -9.04
CA LEU A 353 25.18 2.56 -8.73
C LEU A 353 26.24 1.62 -8.17
N ALA A 354 25.81 0.55 -7.49
CA ALA A 354 26.76 -0.40 -6.92
C ALA A 354 27.33 -1.34 -7.98
N GLY A 355 26.48 -1.87 -8.85
CA GLY A 355 26.95 -2.75 -9.90
C GLY A 355 26.98 -4.21 -9.47
N LYS A 356 27.05 -5.09 -10.47
CA LYS A 356 26.98 -6.53 -10.22
C LYS A 356 27.98 -6.98 -9.17
N ASN A 357 29.19 -6.43 -9.19
CA ASN A 357 30.23 -6.90 -8.28
C ASN A 357 30.06 -6.40 -6.85
N GLN A 358 29.21 -5.41 -6.60
CA GLN A 358 29.07 -4.84 -5.27
C GLN A 358 27.60 -4.82 -4.85
N VAL A 359 26.86 -5.87 -5.20
CA VAL A 359 25.43 -5.90 -4.90
C VAL A 359 25.19 -5.79 -3.41
N THR A 360 26.07 -6.41 -2.60
CA THR A 360 25.91 -6.33 -1.15
C THR A 360 25.98 -4.88 -0.68
N LYS A 361 26.89 -4.09 -1.26
CA LYS A 361 26.99 -2.68 -0.89
C LYS A 361 25.70 -1.94 -1.24
N GLY A 362 25.16 -2.19 -2.43
CA GLY A 362 23.96 -1.49 -2.86
C GLY A 362 22.79 -1.77 -1.94
N VAL A 363 22.62 -3.03 -1.54
CA VAL A 363 21.51 -3.41 -0.67
C VAL A 363 21.62 -2.69 0.67
N GLN A 364 22.82 -2.70 1.27
CA GLN A 364 23.03 -2.02 2.54
C GLN A 364 22.81 -0.52 2.42
N VAL A 365 23.25 0.07 1.30
CA VAL A 365 23.08 1.51 1.11
C VAL A 365 21.60 1.85 1.02
N ALA A 366 20.82 1.02 0.34
CA ALA A 366 19.38 1.27 0.24
C ALA A 366 18.72 1.27 1.61
N GLU A 367 19.06 0.29 2.45
CA GLU A 367 18.56 0.30 3.82
C GLU A 367 18.91 1.61 4.52
N ARG A 368 20.21 1.97 4.54
CA ARG A 368 20.65 3.15 5.28
C ARG A 368 20.06 4.43 4.71
N LEU A 369 19.78 4.47 3.41
CA LEU A 369 19.19 5.68 2.84
C LEU A 369 17.78 5.93 3.39
N ARG A 370 17.06 4.85 3.68
CA ARG A 370 15.62 4.89 3.95
C ARG A 370 15.26 4.72 5.42
N TYR A 371 16.14 4.15 6.23
CA TYR A 371 15.75 3.64 7.54
C TYR A 371 15.20 4.74 8.44
N GLN A 372 15.93 5.85 8.56
CA GLN A 372 15.50 6.90 9.48
C GLN A 372 14.24 7.61 8.99
N ARG A 373 14.14 7.86 7.68
CA ARG A 373 12.98 8.57 7.16
C ARG A 373 11.68 7.82 7.41
N VAL A 374 11.65 6.51 7.13
CA VAL A 374 10.42 5.74 7.37
C VAL A 374 10.14 5.67 8.87
N ALA A 375 11.19 5.56 9.69
CA ALA A 375 10.99 5.54 11.12
C ALA A 375 10.41 6.86 11.63
N LYS A 376 10.88 7.98 11.09
CA LYS A 376 10.33 9.27 11.47
C LYS A 376 8.85 9.38 11.08
N ILE A 377 8.49 8.88 9.89
CA ILE A 377 7.08 8.87 9.49
C ILE A 377 6.25 7.99 10.43
N GLN A 378 6.76 6.81 10.80
CA GLN A 378 5.99 5.94 11.69
C GLN A 378 5.73 6.62 13.02
N GLU A 379 6.75 7.30 13.56
CA GLU A 379 6.64 8.00 14.83
C GLU A 379 5.65 9.16 14.74
N LEU A 380 5.64 9.87 13.61
CA LEU A 380 4.61 10.90 13.40
C LEU A 380 3.21 10.30 13.51
N GLY A 381 3.00 9.10 12.98
CA GLY A 381 1.71 8.46 13.08
C GLY A 381 1.29 8.20 14.53
N HIS A 382 2.23 7.73 15.35
CA HIS A 382 1.94 7.53 16.76
C HIS A 382 1.69 8.86 17.46
N ARG A 383 2.42 9.90 17.08
CA ARG A 383 2.19 11.21 17.67
C ARG A 383 0.79 11.72 17.35
N MET A 384 0.31 11.50 16.11
CA MET A 384 -1.06 11.89 15.79
C MET A 384 -2.06 11.02 16.55
N LEU A 385 -1.70 9.77 16.84
CA LEU A 385 -2.63 8.85 17.50
C LEU A 385 -2.90 9.25 18.94
N LYS A 386 -1.94 9.88 19.60
CA LYS A 386 -2.11 10.42 20.96
C LYS A 386 -2.55 9.33 21.95
N PRO A 408 3.31 17.38 6.42
CA PRO A 408 4.51 18.22 6.56
C PRO A 408 5.39 18.16 5.31
N ALA A 409 6.05 19.29 5.00
CA ALA A 409 6.85 19.37 3.79
C ALA A 409 7.99 18.36 3.78
N TRP A 410 8.55 18.05 4.94
CA TRP A 410 9.68 17.12 5.00
C TRP A 410 9.32 15.76 4.41
N ILE A 411 8.04 15.40 4.37
CA ILE A 411 7.63 14.18 3.69
C ILE A 411 7.31 14.44 2.22
N TYR A 412 6.34 15.31 1.95
CA TYR A 412 5.86 15.50 0.58
C TYR A 412 6.92 16.10 -0.35
N SER A 413 7.77 16.99 0.14
CA SER A 413 8.70 17.69 -0.76
C SER A 413 9.96 16.87 -1.07
N HIS A 414 10.16 15.73 -0.41
CA HIS A 414 11.36 14.93 -0.59
C HIS A 414 11.39 14.24 -1.96
N ASP A 415 12.57 14.23 -2.59
CA ASP A 415 12.80 13.54 -3.86
C ASP A 415 13.73 12.37 -3.60
N CYS A 416 13.16 11.17 -3.48
CA CYS A 416 13.95 10.02 -3.07
C CYS A 416 14.99 9.62 -4.12
N GLN A 417 14.70 9.89 -5.39
CA GLN A 417 15.64 9.49 -6.45
C GLN A 417 16.87 10.39 -6.47
N GLN A 418 16.67 11.71 -6.41
CA GLN A 418 17.81 12.62 -6.37
C GLN A 418 18.60 12.42 -5.08
N TYR A 419 17.89 12.25 -3.96
CA TYR A 419 18.53 11.91 -2.69
C TYR A 419 19.48 10.73 -2.85
N ALA A 420 19.00 9.64 -3.44
CA ALA A 420 19.82 8.44 -3.56
C ALA A 420 21.04 8.68 -4.44
N TYR A 421 20.86 9.43 -5.53
CA TYR A 421 22.01 9.77 -6.38
C TYR A 421 23.00 10.66 -5.63
N ASN A 422 22.49 11.63 -4.88
CA ASN A 422 23.35 12.55 -4.15
C ASN A 422 24.13 11.85 -3.03
N GLU A 423 23.47 10.96 -2.29
CA GLU A 423 24.00 10.47 -1.04
C GLU A 423 24.69 9.11 -1.14
N PHE A 424 24.62 8.44 -2.30
CA PHE A 424 25.03 7.03 -2.37
C PHE A 424 26.48 6.84 -1.93
N GLN A 425 27.41 7.61 -2.53
CA GLN A 425 28.82 7.41 -2.24
C GLN A 425 29.14 7.74 -0.79
N THR A 426 28.48 8.75 -0.22
CA THR A 426 28.66 9.03 1.21
C THR A 426 28.23 7.84 2.06
N VAL A 427 27.05 7.30 1.78
CA VAL A 427 26.50 6.21 2.60
C VAL A 427 27.26 4.92 2.34
N ALA A 428 27.67 4.68 1.08
CA ALA A 428 28.50 3.52 0.77
C ALA A 428 29.78 3.52 1.59
N GLN A 429 30.35 4.71 1.85
CA GLN A 429 31.60 4.78 2.60
C GLN A 429 31.36 4.43 4.06
N LEU A 430 30.21 4.85 4.62
CA LEU A 430 29.87 4.49 5.98
C LEU A 430 29.64 2.98 6.12
N VAL A 431 29.09 2.35 5.09
CA VAL A 431 28.92 0.90 5.08
C VAL A 431 30.24 0.18 4.79
#